data_4FQ7
#
_entry.id   4FQ7
#
_cell.length_a   66.469
_cell.length_b   66.469
_cell.length_c   413.839
_cell.angle_alpha   90.000
_cell.angle_beta   90.000
_cell.angle_gamma   120.000
#
_symmetry.space_group_name_H-M   'P 61 2 2'
#
loop_
_entity.id
_entity.type
_entity.pdbx_description
1 polymer 'Maleate cis-trans isomerase'
2 water water
#
_entity_poly.entity_id   1
_entity_poly.type   'polypeptide(L)'
_entity_poly.pdbx_seq_one_letter_code
;MGSSHHHHHHSSGLVPRGSHMVEAMKVVRVGQIVPSSNITMETEIPALLKARELVAPERFTFHSSRMRMKHVTKEELARM
DGDSDRCALELSDARVDVMGYACLVAIMSMGHGYHRVSAERLRNVTENNDAATPIITSAGALIDGIRALGAKRVAVVTPY
MKPLTELVVDYIRHEGIEVGDYRALEISDNLAVAAHDPMNLPGIIASMRTDDVDAIVISACVQMPSLNAITMVEAQTRKP
VISAAVATTWAMLTALDLPTRVPGGGTLLSGAYLEHHHHHH
;
_entity_poly.pdbx_strand_id   A,B
#
# COMPACT_ATOMS: atom_id res chain seq x y z
N LYS A 26 -10.83 16.47 0.30
CA LYS A 26 -10.58 15.60 -0.89
C LYS A 26 -9.72 14.39 -0.51
N VAL A 27 -9.89 13.29 -1.23
CA VAL A 27 -9.04 12.10 -1.10
C VAL A 27 -8.05 12.05 -2.26
N VAL A 28 -6.77 11.90 -1.96
CA VAL A 28 -5.75 11.78 -2.99
C VAL A 28 -5.24 10.34 -3.05
N ARG A 29 -5.38 9.73 -4.22
CA ARG A 29 -4.90 8.36 -4.45
C ARG A 29 -3.42 8.41 -4.80
N VAL A 30 -2.59 7.90 -3.89
CA VAL A 30 -1.15 7.89 -4.08
C VAL A 30 -0.69 6.51 -4.55
N GLY A 31 -0.05 6.50 -5.71
CA GLY A 31 0.46 5.27 -6.31
C GLY A 31 1.95 5.14 -6.16
N GLN A 32 2.39 3.92 -5.87
CA GLN A 32 3.80 3.64 -5.64
C GLN A 32 4.27 2.31 -6.25
N ILE A 33 5.11 2.42 -7.28
CA ILE A 33 5.85 1.28 -7.82
C ILE A 33 7.09 1.02 -6.96
N VAL A 34 7.14 -0.18 -6.35
CA VAL A 34 8.22 -0.51 -5.41
C VAL A 34 8.87 -1.87 -5.68
N PRO A 35 10.16 -2.02 -5.30
CA PRO A 35 10.77 -3.34 -5.23
C PRO A 35 9.96 -4.20 -4.26
N SER A 36 9.81 -5.48 -4.58
CA SER A 36 8.98 -6.36 -3.77
C SER A 36 9.42 -6.35 -2.31
N SER A 37 10.73 -6.32 -2.09
CA SER A 37 11.31 -6.37 -0.76
C SER A 37 11.39 -5.02 -0.06
N ASN A 38 11.08 -3.93 -0.78
CA ASN A 38 11.14 -2.60 -0.19
C ASN A 38 10.02 -2.34 0.81
N ILE A 39 10.42 -1.95 2.01
CA ILE A 39 9.48 -1.75 3.10
C ILE A 39 9.42 -0.28 3.54
N THR A 40 10.43 0.51 3.16
CA THR A 40 10.58 1.89 3.65
C THR A 40 9.66 2.90 2.99
N MET A 41 9.59 2.89 1.66
CA MET A 41 8.71 3.83 0.95
C MET A 41 7.27 3.75 1.47
N GLU A 42 6.76 2.53 1.61
CA GLU A 42 5.43 2.28 2.17
C GLU A 42 5.33 2.61 3.67
N THR A 43 6.43 3.01 4.27
CA THR A 43 6.43 3.44 5.66
C THR A 43 6.53 4.95 5.73
N GLU A 44 7.61 5.49 5.17
CA GLU A 44 7.96 6.90 5.34
C GLU A 44 7.08 7.86 4.53
N ILE A 45 6.66 7.44 3.34
CA ILE A 45 5.77 8.28 2.54
C ILE A 45 4.37 8.40 3.17
N PRO A 46 3.74 7.27 3.54
CA PRO A 46 2.54 7.33 4.36
C PRO A 46 2.69 8.09 5.68
N ALA A 47 3.84 7.95 6.34
CA ALA A 47 4.10 8.60 7.62
C ALA A 47 4.10 10.12 7.46
N LEU A 48 4.83 10.58 6.44
CA LEU A 48 4.89 12.00 6.10
C LEU A 48 3.52 12.57 5.81
N LEU A 49 2.81 11.96 4.87
CA LEU A 49 1.50 12.45 4.46
C LEU A 49 0.44 12.34 5.56
N LYS A 50 0.56 11.32 6.41
CA LYS A 50 -0.23 11.19 7.63
C LYS A 50 0.00 12.40 8.53
N ALA A 51 1.27 12.79 8.65
CA ALA A 51 1.67 13.97 9.40
C ALA A 51 1.15 15.27 8.77
N ARG A 52 1.06 15.30 7.43
CA ARG A 52 0.56 16.46 6.71
C ARG A 52 -0.91 16.73 7.02
N GLU A 53 -1.65 15.64 7.28
CA GLU A 53 -3.09 15.72 7.56
C GLU A 53 -3.42 16.45 8.88
N LEU A 54 -2.39 16.73 9.68
CA LEU A 54 -2.52 17.50 10.91
C LEU A 54 -2.32 18.99 10.66
N VAL A 55 -2.04 19.35 9.41
CA VAL A 55 -1.63 20.70 9.05
C VAL A 55 -2.38 21.21 7.82
N ALA A 56 -2.83 20.28 6.98
CA ALA A 56 -3.53 20.61 5.74
C ALA A 56 -4.74 19.67 5.54
N PRO A 57 -5.79 20.17 4.86
CA PRO A 57 -7.07 19.44 4.78
C PRO A 57 -7.02 18.11 4.05
N GLU A 58 -6.22 18.03 2.97
CA GLU A 58 -6.15 16.87 2.11
C GLU A 58 -5.88 15.58 2.87
N ARG A 59 -6.58 14.51 2.47
CA ARG A 59 -6.42 13.19 3.07
C ARG A 59 -6.02 12.15 2.02
N PHE A 60 -5.11 11.25 2.38
CA PHE A 60 -4.44 10.36 1.42
C PHE A 60 -4.75 8.87 1.58
N THR A 61 -4.76 8.16 0.45
CA THR A 61 -4.83 6.70 0.42
C THR A 61 -3.69 6.15 -0.43
N PHE A 62 -3.09 5.06 0.03
CA PHE A 62 -1.88 4.54 -0.61
C PHE A 62 -2.09 3.23 -1.33
N HIS A 63 -1.55 3.16 -2.54
CA HIS A 63 -1.75 2.03 -3.43
C HIS A 63 -0.45 1.63 -4.08
N SER A 64 -0.10 0.36 -3.95
CA SER A 64 1.21 -0.12 -4.38
C SER A 64 1.16 -1.20 -5.43
N SER A 65 2.14 -1.18 -6.33
CA SER A 65 2.45 -2.31 -7.20
C SER A 65 3.91 -2.70 -7.00
N ARG A 66 4.19 -4.00 -7.06
CA ARG A 66 5.52 -4.51 -6.78
C ARG A 66 6.17 -5.18 -7.96
N MET A 67 7.49 -5.02 -8.03
CA MET A 67 8.34 -5.76 -8.96
C MET A 67 9.35 -6.55 -8.14
N ARG A 68 9.50 -7.84 -8.46
CA ARG A 68 10.34 -8.73 -7.65
C ARG A 68 11.80 -8.35 -7.68
N MET A 69 12.39 -8.32 -6.48
CA MET A 69 13.78 -7.97 -6.27
C MET A 69 14.08 -8.18 -4.79
N LYS A 70 15.07 -9.00 -4.48
CA LYS A 70 15.45 -9.26 -3.10
C LYS A 70 16.83 -8.71 -2.76
N HIS A 71 17.73 -8.76 -3.74
CA HIS A 71 19.11 -8.34 -3.51
C HIS A 71 19.58 -7.29 -4.48
N VAL A 72 20.18 -6.25 -3.94
CA VAL A 72 20.60 -5.09 -4.71
C VAL A 72 21.90 -5.39 -5.48
N THR A 73 21.75 -5.92 -6.69
CA THR A 73 22.86 -6.11 -7.63
C THR A 73 22.49 -5.61 -9.03
N LYS A 74 23.49 -5.14 -9.78
CA LYS A 74 23.29 -4.52 -11.09
C LYS A 74 22.40 -5.31 -12.03
N GLU A 75 22.47 -6.64 -11.93
CA GLU A 75 21.66 -7.52 -12.78
C GLU A 75 20.23 -7.60 -12.29
N GLU A 76 20.05 -7.77 -10.97
CA GLU A 76 18.72 -7.85 -10.36
C GLU A 76 17.96 -6.53 -10.46
N LEU A 77 18.72 -5.44 -10.63
CA LEU A 77 18.15 -4.11 -10.79
C LEU A 77 17.60 -3.87 -12.20
N ALA A 78 18.35 -4.31 -13.21
CA ALA A 78 17.92 -4.20 -14.61
C ALA A 78 16.65 -5.01 -14.84
N ARG A 79 16.62 -6.22 -14.29
CA ARG A 79 15.46 -7.12 -14.38
C ARG A 79 14.22 -6.46 -13.80
N MET A 80 14.42 -5.83 -12.65
CA MET A 80 13.37 -5.15 -11.93
C MET A 80 12.81 -3.97 -12.72
N ASP A 81 13.69 -3.26 -13.43
CA ASP A 81 13.29 -2.13 -14.27
C ASP A 81 12.51 -2.57 -15.51
N GLY A 82 12.57 -3.86 -15.83
CA GLY A 82 11.76 -4.43 -16.91
C GLY A 82 10.29 -4.52 -16.55
N ASP A 83 10.03 -4.79 -15.27
CA ASP A 83 8.67 -4.90 -14.73
C ASP A 83 8.08 -3.52 -14.44
N SER A 84 8.94 -2.51 -14.54
CA SER A 84 8.58 -1.11 -14.29
C SER A 84 7.27 -0.69 -14.99
N ASP A 85 7.14 -1.05 -16.26
CA ASP A 85 5.96 -0.72 -17.07
C ASP A 85 4.71 -1.43 -16.58
N ARG A 86 4.86 -2.73 -16.31
CA ARG A 86 3.75 -3.58 -15.87
C ARG A 86 3.14 -3.08 -14.56
N CYS A 87 3.99 -2.57 -13.67
CA CYS A 87 3.52 -2.00 -12.42
C CYS A 87 2.73 -0.71 -12.64
N ALA A 88 3.18 0.10 -13.59
CA ALA A 88 2.50 1.34 -13.95
C ALA A 88 1.14 1.07 -14.61
N LEU A 89 1.05 -0.01 -15.37
CA LEU A 89 -0.23 -0.52 -15.86
C LEU A 89 -1.11 -0.85 -14.66
N GLU A 90 -0.58 -1.73 -13.80
CA GLU A 90 -1.28 -2.19 -12.60
C GLU A 90 -1.84 -1.05 -11.76
N LEU A 91 -1.10 0.05 -11.66
CA LEU A 91 -1.51 1.17 -10.82
C LEU A 91 -2.49 2.13 -11.50
N SER A 92 -2.35 2.28 -12.81
CA SER A 92 -3.27 3.12 -13.59
C SER A 92 -4.66 2.50 -13.68
N ASP A 93 -4.75 1.20 -13.42
CA ASP A 93 -6.03 0.49 -13.30
C ASP A 93 -6.86 1.02 -12.13
N ALA A 94 -6.19 1.73 -11.23
CA ALA A 94 -6.82 2.31 -10.06
C ALA A 94 -6.97 3.82 -10.19
N ARG A 95 -6.93 4.33 -11.42
CA ARG A 95 -7.04 5.78 -11.69
C ARG A 95 -6.40 6.61 -10.57
N VAL A 96 -5.08 6.46 -10.45
CA VAL A 96 -4.31 7.05 -9.36
C VAL A 96 -3.91 8.49 -9.66
N ASP A 97 -3.83 9.33 -8.63
CA ASP A 97 -3.53 10.75 -8.81
C ASP A 97 -2.04 11.07 -9.07
N VAL A 98 -1.15 10.30 -8.44
CA VAL A 98 0.29 10.44 -8.62
C VAL A 98 0.97 9.10 -8.55
N MET A 99 1.97 8.90 -9.41
CA MET A 99 2.79 7.69 -9.34
C MET A 99 4.21 7.96 -8.97
N GLY A 100 4.66 7.30 -7.91
CA GLY A 100 6.04 7.37 -7.47
C GLY A 100 6.76 6.09 -7.80
N TYR A 101 7.62 6.14 -8.80
CA TYR A 101 8.51 5.04 -9.10
C TYR A 101 9.69 5.11 -8.12
N ALA A 102 9.79 4.08 -7.29
CA ALA A 102 10.72 4.11 -6.14
C ALA A 102 12.19 3.93 -6.48
N CYS A 103 12.62 2.71 -6.77
CA CYS A 103 14.06 2.40 -6.74
C CYS A 103 14.96 3.43 -7.40
N LEU A 104 15.72 4.10 -6.55
CA LEU A 104 16.63 5.17 -6.92
C LEU A 104 17.85 4.62 -7.63
N VAL A 105 18.49 3.64 -7.00
CA VAL A 105 19.72 3.03 -7.52
C VAL A 105 19.54 2.34 -8.89
N ALA A 106 18.35 1.75 -9.11
CA ALA A 106 18.07 1.00 -10.34
C ALA A 106 18.08 1.88 -11.58
N ILE A 107 17.61 3.12 -11.43
CA ILE A 107 17.61 4.09 -12.53
C ILE A 107 19.02 4.63 -12.82
N MET A 108 19.74 5.01 -11.76
CA MET A 108 21.08 5.58 -11.89
C MET A 108 22.09 4.57 -12.44
N SER A 109 21.78 3.28 -12.31
CA SER A 109 22.64 2.20 -12.81
C SER A 109 22.36 1.85 -14.27
N MET A 110 21.39 2.53 -14.88
CA MET A 110 21.03 2.31 -16.28
C MET A 110 21.81 3.23 -17.23
N GLY A 111 22.34 4.33 -16.70
CA GLY A 111 23.08 5.31 -17.48
C GLY A 111 22.82 6.71 -16.98
N HIS A 112 23.43 7.71 -17.61
CA HIS A 112 23.26 9.12 -17.22
C HIS A 112 21.92 9.67 -17.61
N GLY A 113 21.32 10.44 -16.71
CA GLY A 113 20.04 11.13 -16.94
C GLY A 113 18.88 10.25 -17.40
N TYR A 114 18.90 9.00 -16.98
CA TYR A 114 17.88 8.01 -17.36
C TYR A 114 16.55 8.24 -16.62
N HIS A 115 16.59 8.97 -15.51
CA HIS A 115 15.37 9.27 -14.73
C HIS A 115 14.36 9.98 -15.58
N ARG A 116 14.85 10.88 -16.43
CA ARG A 116 14.02 11.65 -17.34
C ARG A 116 13.39 10.73 -18.40
N VAL A 117 14.16 9.72 -18.81
CA VAL A 117 13.71 8.72 -19.78
C VAL A 117 12.63 7.83 -19.18
N SER A 118 12.91 7.29 -17.99
CA SER A 118 11.98 6.43 -17.28
C SER A 118 10.64 7.11 -17.04
N ALA A 119 10.69 8.39 -16.66
CA ALA A 119 9.50 9.21 -16.42
C ALA A 119 8.62 9.28 -17.66
N GLU A 120 9.19 9.73 -18.77
CA GLU A 120 8.50 9.84 -20.06
C GLU A 120 7.83 8.53 -20.46
N ARG A 121 8.59 7.44 -20.40
CA ARG A 121 8.12 6.10 -20.79
C ARG A 121 6.92 5.65 -19.96
N LEU A 122 7.04 5.78 -18.64
CA LEU A 122 5.99 5.36 -17.72
C LEU A 122 4.74 6.22 -17.85
N ARG A 123 4.95 7.52 -18.08
CA ARG A 123 3.86 8.45 -18.37
C ARG A 123 3.04 7.94 -19.56
N ASN A 124 3.75 7.53 -20.61
CA ASN A 124 3.11 6.99 -21.81
C ASN A 124 2.29 5.73 -21.53
N VAL A 125 2.81 4.86 -20.66
CA VAL A 125 2.12 3.64 -20.28
C VAL A 125 0.72 3.94 -19.73
N THR A 126 0.65 4.87 -18.78
CA THR A 126 -0.61 5.24 -18.14
C THR A 126 -1.55 5.96 -19.10
N GLU A 127 -0.99 6.59 -20.14
CA GLU A 127 -1.77 7.20 -21.21
C GLU A 127 -2.38 6.13 -22.13
N ASN A 128 -1.59 5.10 -22.45
CA ASN A 128 -2.09 3.93 -23.18
C ASN A 128 -3.02 3.08 -22.32
N ASN A 129 -3.44 3.64 -21.20
CA ASN A 129 -4.39 3.02 -20.30
C ASN A 129 -5.54 3.97 -19.95
N ASP A 130 -5.61 5.09 -20.69
CA ASP A 130 -6.66 6.11 -20.56
C ASP A 130 -6.66 6.83 -19.21
N ALA A 131 -5.68 6.52 -18.37
CA ALA A 131 -5.54 7.12 -17.05
C ALA A 131 -4.22 7.89 -16.95
N ALA A 132 -4.16 9.02 -17.67
CA ALA A 132 -2.99 9.89 -17.66
C ALA A 132 -2.72 10.41 -16.26
N THR A 133 -1.53 10.11 -15.76
CA THR A 133 -1.15 10.44 -14.39
C THR A 133 0.23 11.06 -14.39
N PRO A 134 0.51 11.99 -13.45
CA PRO A 134 1.89 12.46 -13.28
C PRO A 134 2.79 11.37 -12.70
N ILE A 135 3.98 11.24 -13.24
CA ILE A 135 4.88 10.18 -12.84
C ILE A 135 6.19 10.74 -12.32
N ILE A 136 6.55 10.29 -11.12
CA ILE A 136 7.67 10.82 -10.36
C ILE A 136 8.64 9.69 -10.00
N THR A 137 9.91 9.86 -10.36
CA THR A 137 10.95 8.91 -9.96
C THR A 137 11.68 9.44 -8.74
N SER A 138 12.11 8.54 -7.86
CA SER A 138 12.87 8.94 -6.67
C SER A 138 14.21 9.55 -7.04
N ALA A 139 14.74 9.12 -8.20
CA ALA A 139 15.96 9.70 -8.74
C ALA A 139 15.77 11.17 -9.08
N GLY A 140 14.82 11.46 -9.97
CA GLY A 140 14.51 12.83 -10.38
C GLY A 140 14.05 13.69 -9.22
N ALA A 141 13.35 13.08 -8.28
CA ALA A 141 12.86 13.78 -7.09
C ALA A 141 14.02 14.24 -6.21
N LEU A 142 15.06 13.42 -6.11
CA LEU A 142 16.24 13.76 -5.33
C LEU A 142 17.06 14.87 -6.01
N ILE A 143 17.17 14.79 -7.33
CA ILE A 143 17.85 15.82 -8.09
C ILE A 143 17.10 17.16 -8.00
N ASP A 144 15.80 17.13 -8.26
CA ASP A 144 14.96 18.33 -8.18
C ASP A 144 14.91 18.90 -6.77
N GLY A 145 14.96 18.01 -5.78
CA GLY A 145 14.89 18.39 -4.38
C GLY A 145 16.09 19.21 -3.95
N ILE A 146 17.27 18.79 -4.40
CA ILE A 146 18.52 19.48 -4.07
C ILE A 146 18.52 20.88 -4.66
N ARG A 147 18.19 20.98 -5.96
CA ARG A 147 18.11 22.26 -6.67
C ARG A 147 17.09 23.21 -6.03
N ALA A 148 15.93 22.66 -5.66
CA ALA A 148 14.89 23.43 -5.01
C ALA A 148 15.36 24.09 -3.71
N LEU A 149 16.41 23.53 -3.12
CA LEU A 149 17.03 24.11 -1.93
C LEU A 149 18.08 25.15 -2.30
N GLY A 150 18.55 25.09 -3.55
CA GLY A 150 19.65 25.95 -4.00
C GLY A 150 20.97 25.45 -3.46
N ALA A 151 21.13 24.11 -3.44
CA ALA A 151 22.33 23.47 -2.93
C ALA A 151 23.23 23.04 -4.08
N LYS A 152 24.38 23.69 -4.20
CA LYS A 152 25.34 23.38 -5.26
C LYS A 152 26.28 22.23 -4.87
N ARG A 153 26.51 22.06 -3.57
CA ARG A 153 27.35 20.97 -3.06
C ARG A 153 26.61 20.10 -2.05
N VAL A 154 26.88 18.80 -2.09
CA VAL A 154 26.08 17.81 -1.35
C VAL A 154 26.92 16.68 -0.75
N ALA A 155 26.51 16.20 0.43
CA ALA A 155 27.06 14.98 1.02
C ALA A 155 26.05 13.84 0.91
N VAL A 156 26.54 12.61 0.81
CA VAL A 156 25.68 11.47 0.50
C VAL A 156 25.97 10.28 1.42
N VAL A 157 24.90 9.66 1.93
CA VAL A 157 25.00 8.38 2.63
C VAL A 157 24.19 7.36 1.86
N THR A 158 24.81 6.22 1.54
CA THR A 158 24.08 5.09 0.93
C THR A 158 24.42 3.78 1.65
N PRO A 159 23.48 2.81 1.65
CA PRO A 159 23.76 1.51 2.26
C PRO A 159 24.47 0.53 1.33
N TYR A 160 24.52 0.85 0.04
CA TYR A 160 24.97 -0.09 -0.99
C TYR A 160 26.48 -0.35 -0.97
N MET A 161 26.89 -1.36 -1.74
CA MET A 161 28.30 -1.68 -1.94
C MET A 161 29.00 -0.56 -2.72
N LYS A 162 30.30 -0.39 -2.49
CA LYS A 162 31.07 0.71 -3.07
C LYS A 162 30.73 1.05 -4.54
N PRO A 163 30.93 0.11 -5.48
CA PRO A 163 30.79 0.44 -6.91
C PRO A 163 29.40 0.99 -7.25
N LEU A 164 28.39 0.46 -6.56
CA LEU A 164 27.01 0.85 -6.77
C LEU A 164 26.76 2.28 -6.31
N THR A 165 27.42 2.66 -5.21
CA THR A 165 27.28 4.02 -4.68
C THR A 165 28.07 5.02 -5.54
N GLU A 166 29.16 4.55 -6.14
CA GLU A 166 29.96 5.36 -7.06
C GLU A 166 29.09 5.78 -8.25
N LEU A 167 28.21 4.88 -8.70
CA LEU A 167 27.23 5.19 -9.73
C LEU A 167 26.32 6.35 -9.31
N VAL A 168 25.79 6.22 -8.10
CA VAL A 168 24.90 7.24 -7.53
C VAL A 168 25.60 8.59 -7.44
N VAL A 169 26.82 8.58 -6.90
CA VAL A 169 27.62 9.80 -6.81
C VAL A 169 27.90 10.38 -8.19
N ASP A 170 28.31 9.52 -9.13
CA ASP A 170 28.61 9.93 -10.50
C ASP A 170 27.38 10.55 -11.17
N TYR A 171 26.23 9.89 -11.01
CA TYR A 171 24.97 10.33 -11.60
C TYR A 171 24.61 11.73 -11.13
N ILE A 172 24.72 11.96 -9.82
CA ILE A 172 24.44 13.26 -9.22
C ILE A 172 25.44 14.32 -9.75
N ARG A 173 26.72 14.00 -9.70
CA ARG A 173 27.76 14.88 -10.25
C ARG A 173 27.43 15.25 -11.69
N HIS A 174 27.02 14.26 -12.47
CA HIS A 174 26.63 14.44 -13.87
C HIS A 174 25.36 15.23 -14.03
N GLU A 175 24.54 15.31 -12.98
CA GLU A 175 23.34 16.15 -13.03
C GLU A 175 23.63 17.61 -12.60
N GLY A 176 24.92 17.93 -12.47
CA GLY A 176 25.36 19.30 -12.18
C GLY A 176 25.58 19.62 -10.70
N ILE A 177 25.38 18.61 -9.85
CA ILE A 177 25.49 18.79 -8.41
C ILE A 177 26.80 18.20 -7.91
N GLU A 178 27.58 18.99 -7.20
CA GLU A 178 28.86 18.54 -6.66
C GLU A 178 28.65 17.69 -5.41
N VAL A 179 29.45 16.64 -5.29
CA VAL A 179 29.40 15.77 -4.11
C VAL A 179 30.68 15.91 -3.32
N GLY A 180 30.56 16.37 -2.08
CA GLY A 180 31.70 16.48 -1.18
C GLY A 180 32.09 15.12 -0.66
N ASP A 181 31.86 14.89 0.63
CA ASP A 181 32.14 13.61 1.26
C ASP A 181 30.94 12.67 1.11
N TYR A 182 31.19 11.46 0.63
CA TYR A 182 30.14 10.42 0.54
C TYR A 182 30.50 9.16 1.34
N ARG A 183 29.50 8.31 1.57
CA ARG A 183 29.69 7.08 2.35
C ARG A 183 28.85 5.92 1.85
N ALA A 184 29.50 4.77 1.76
CA ALA A 184 28.85 3.51 1.48
C ALA A 184 28.86 2.70 2.76
N LEU A 185 27.76 2.02 3.07
CA LEU A 185 27.67 1.23 4.28
C LEU A 185 27.82 -0.27 4.05
N GLU A 186 28.10 -0.64 2.80
CA GLU A 186 28.34 -2.04 2.39
C GLU A 186 27.28 -3.05 2.87
N ILE A 187 26.06 -2.88 2.38
CA ILE A 187 24.98 -3.85 2.60
C ILE A 187 24.26 -4.07 1.26
N SER A 188 24.05 -5.35 0.92
CA SER A 188 23.39 -5.71 -0.33
C SER A 188 22.00 -6.34 -0.11
N ASP A 189 21.87 -7.09 0.98
CA ASP A 189 20.59 -7.65 1.39
C ASP A 189 19.60 -6.52 1.67
N ASN A 190 18.63 -6.35 0.78
CA ASN A 190 17.65 -5.25 0.90
C ASN A 190 16.87 -5.30 2.21
N LEU A 191 16.66 -6.50 2.74
CA LEU A 191 16.03 -6.69 4.05
C LEU A 191 16.89 -6.12 5.19
N ALA A 192 18.19 -6.42 5.16
CA ALA A 192 19.13 -5.94 6.18
C ALA A 192 19.28 -4.42 6.14
N VAL A 193 19.11 -3.86 4.94
CA VAL A 193 19.10 -2.42 4.72
C VAL A 193 17.86 -1.80 5.39
N ALA A 194 16.73 -2.50 5.31
CA ALA A 194 15.49 -2.08 5.98
C ALA A 194 15.59 -2.14 7.50
N ALA A 195 16.40 -3.07 8.02
CA ALA A 195 16.58 -3.22 9.46
C ALA A 195 17.84 -2.51 9.97
N HIS A 196 18.30 -1.51 9.22
CA HIS A 196 19.40 -0.66 9.65
C HIS A 196 18.89 0.43 10.54
N ASP A 197 19.43 0.50 11.76
CA ASP A 197 19.01 1.48 12.75
C ASP A 197 19.33 2.91 12.31
N PRO A 198 18.29 3.77 12.23
CA PRO A 198 18.47 5.16 11.82
C PRO A 198 19.29 6.00 12.82
N MET A 199 19.33 5.58 14.08
CA MET A 199 20.08 6.30 15.10
C MET A 199 21.59 6.00 15.04
N ASN A 200 21.96 5.13 14.12
CA ASN A 200 23.35 5.02 13.71
C ASN A 200 23.71 6.22 12.85
N LEU A 201 22.73 6.69 12.08
CA LEU A 201 22.94 7.73 11.07
C LEU A 201 23.45 9.08 11.59
N PRO A 202 22.88 9.59 12.70
CA PRO A 202 23.47 10.81 13.27
C PRO A 202 24.98 10.69 13.50
N GLY A 203 25.41 9.63 14.18
CA GLY A 203 26.82 9.37 14.42
C GLY A 203 27.65 9.21 13.16
N ILE A 204 27.07 8.55 12.15
CA ILE A 204 27.72 8.37 10.85
C ILE A 204 27.96 9.71 10.16
N ILE A 205 26.91 10.53 10.07
CA ILE A 205 26.99 11.85 9.44
C ILE A 205 27.95 12.77 10.19
N ALA A 206 27.92 12.71 11.52
CA ALA A 206 28.77 13.52 12.37
C ALA A 206 30.26 13.18 12.23
N SER A 207 30.55 12.03 11.60
CA SER A 207 31.93 11.65 11.34
C SER A 207 32.33 11.91 9.88
N MET A 208 31.47 12.63 9.16
CA MET A 208 31.74 13.05 7.80
C MET A 208 31.98 14.55 7.75
N ARG A 209 32.79 14.99 6.80
CA ARG A 209 33.01 16.42 6.62
C ARG A 209 31.76 17.05 6.01
N THR A 210 30.93 17.65 6.86
CA THR A 210 29.61 18.15 6.46
C THR A 210 29.54 19.67 6.27
N ASP A 211 30.51 20.39 6.80
CA ASP A 211 30.48 21.86 6.82
C ASP A 211 30.83 22.48 5.46
N ASP A 212 31.54 21.71 4.63
CA ASP A 212 31.90 22.16 3.29
C ASP A 212 30.74 22.00 2.31
N VAL A 213 29.57 21.64 2.84
CA VAL A 213 28.45 21.12 2.06
C VAL A 213 27.15 21.87 2.32
N ASP A 214 26.38 22.12 1.27
CA ASP A 214 25.10 22.85 1.36
C ASP A 214 23.93 22.04 1.94
N ALA A 215 23.83 20.77 1.55
CA ALA A 215 22.72 19.92 1.96
C ALA A 215 23.17 18.47 2.15
N ILE A 216 22.54 17.78 3.09
CA ILE A 216 22.93 16.41 3.39
C ILE A 216 21.89 15.43 2.85
N VAL A 217 22.33 14.54 1.96
CA VAL A 217 21.49 13.46 1.48
C VAL A 217 21.69 12.28 2.43
N ILE A 218 20.84 12.21 3.43
CA ILE A 218 20.94 11.22 4.51
C ILE A 218 20.61 9.80 4.03
N SER A 219 19.90 9.71 2.91
CA SER A 219 19.63 8.43 2.28
C SER A 219 19.44 8.59 0.77
N ALA A 220 20.52 8.39 0.03
CA ALA A 220 20.43 8.25 -1.42
C ALA A 220 20.05 6.80 -1.69
N CYS A 221 18.85 6.46 -1.25
CA CYS A 221 18.33 5.11 -1.27
C CYS A 221 16.87 5.20 -0.89
N VAL A 222 16.10 4.18 -1.27
CA VAL A 222 14.66 4.16 -1.02
C VAL A 222 14.26 3.14 0.05
N GLN A 223 15.23 2.31 0.47
CA GLN A 223 15.00 1.23 1.42
C GLN A 223 15.53 1.53 2.82
N MET A 224 16.57 2.35 2.93
CA MET A 224 17.17 2.64 4.24
C MET A 224 16.35 3.66 5.04
N PRO A 225 15.84 3.25 6.23
CA PRO A 225 15.10 4.14 7.12
C PRO A 225 15.94 5.35 7.53
N SER A 226 15.32 6.52 7.43
CA SER A 226 16.01 7.80 7.60
C SER A 226 15.15 8.85 8.31
N LEU A 227 13.83 8.67 8.22
CA LEU A 227 12.84 9.63 8.72
C LEU A 227 13.10 10.12 10.15
N ASN A 228 13.37 9.16 11.04
CA ASN A 228 13.54 9.43 12.47
C ASN A 228 14.86 10.10 12.87
N ALA A 229 15.82 10.13 11.94
CA ALA A 229 17.08 10.80 12.19
C ALA A 229 17.09 12.21 11.59
N ILE A 230 16.29 12.41 10.54
CA ILE A 230 16.28 13.64 9.74
C ILE A 230 16.35 14.94 10.54
N THR A 231 15.45 15.12 11.51
CA THR A 231 15.38 16.37 12.26
C THR A 231 16.51 16.44 13.27
N MET A 232 16.91 15.28 13.77
CA MET A 232 18.02 15.16 14.71
C MET A 232 19.34 15.55 14.04
N VAL A 233 19.60 14.96 12.87
CA VAL A 233 20.78 15.28 12.07
C VAL A 233 20.81 16.76 11.74
N GLU A 234 19.74 17.24 11.11
CA GLU A 234 19.56 18.64 10.73
C GLU A 234 19.87 19.59 11.90
N ALA A 235 19.45 19.20 13.10
CA ALA A 235 19.65 20.01 14.30
C ALA A 235 21.13 20.13 14.70
N GLN A 236 21.86 19.02 14.64
CA GLN A 236 23.25 18.98 15.08
C GLN A 236 24.26 19.35 13.98
N THR A 237 23.81 19.30 12.73
CA THR A 237 24.68 19.66 11.61
C THR A 237 24.35 21.05 11.06
N ARG A 238 23.18 21.56 11.42
CA ARG A 238 22.70 22.86 10.96
C ARG A 238 22.76 23.06 9.43
N LYS A 239 22.70 21.94 8.72
CA LYS A 239 22.55 21.94 7.27
C LYS A 239 21.27 21.20 6.89
N PRO A 240 20.57 21.65 5.84
CA PRO A 240 19.37 20.94 5.38
C PRO A 240 19.60 19.46 5.07
N VAL A 241 18.64 18.62 5.44
CA VAL A 241 18.76 17.17 5.28
C VAL A 241 17.64 16.59 4.40
N ILE A 242 18.03 15.84 3.36
CA ILE A 242 17.08 15.20 2.45
C ILE A 242 17.29 13.70 2.43
N SER A 243 16.17 12.96 2.37
CA SER A 243 16.20 11.55 1.98
C SER A 243 15.27 11.38 0.78
N ALA A 244 15.48 10.34 -0.01
CA ALA A 244 14.67 10.08 -1.21
C ALA A 244 13.18 10.11 -0.93
N ALA A 245 12.76 9.47 0.17
CA ALA A 245 11.37 9.49 0.62
C ALA A 245 10.79 10.92 0.66
N VAL A 246 11.49 11.83 1.32
CA VAL A 246 11.01 13.20 1.46
C VAL A 246 11.01 13.88 0.09
N ALA A 247 12.05 13.61 -0.69
CA ALA A 247 12.19 14.19 -2.02
C ALA A 247 11.03 13.73 -2.92
N THR A 248 10.63 12.48 -2.75
CA THR A 248 9.52 11.91 -3.50
C THR A 248 8.18 12.52 -3.06
N THR A 249 7.95 12.60 -1.75
CA THR A 249 6.72 13.20 -1.23
C THR A 249 6.67 14.67 -1.63
N TRP A 250 7.81 15.35 -1.55
CA TRP A 250 7.91 16.73 -1.98
C TRP A 250 7.52 16.88 -3.41
N ALA A 251 8.06 16.01 -4.26
CA ALA A 251 7.75 16.01 -5.68
C ALA A 251 6.27 15.68 -5.94
N MET A 252 5.76 14.66 -5.25
CA MET A 252 4.35 14.26 -5.35
C MET A 252 3.43 15.44 -5.00
N LEU A 253 3.71 16.05 -3.84
CA LEU A 253 3.02 17.25 -3.39
C LEU A 253 3.05 18.37 -4.44
N THR A 254 4.24 18.67 -4.97
CA THR A 254 4.38 19.74 -5.95
C THR A 254 3.64 19.41 -7.23
N ALA A 255 3.69 18.14 -7.64
CA ALA A 255 3.04 17.69 -8.87
C ALA A 255 1.52 17.84 -8.81
N LEU A 256 0.97 17.76 -7.60
CA LEU A 256 -0.46 17.95 -7.40
C LEU A 256 -0.77 19.41 -7.06
N ASP A 257 0.21 20.29 -7.28
CA ASP A 257 0.12 21.71 -6.91
C ASP A 257 -0.43 21.93 -5.50
N LEU A 258 0.27 21.37 -4.53
CA LEU A 258 -0.14 21.46 -3.13
C LEU A 258 0.98 22.01 -2.27
N PRO A 259 0.63 22.74 -1.20
CA PRO A 259 1.62 23.18 -0.20
C PRO A 259 2.44 22.01 0.34
N THR A 260 3.72 22.26 0.60
CA THR A 260 4.65 21.19 0.98
C THR A 260 5.08 21.24 2.45
N ARG A 261 4.25 21.83 3.31
CA ARG A 261 4.54 21.83 4.75
C ARG A 261 4.15 20.49 5.37
N VAL A 262 5.14 19.83 5.96
CA VAL A 262 4.95 18.50 6.54
C VAL A 262 5.84 18.38 7.79
N PRO A 263 5.24 18.34 8.99
CA PRO A 263 6.03 18.24 10.21
C PRO A 263 6.94 17.02 10.19
N GLY A 264 8.17 17.19 10.68
CA GLY A 264 9.18 16.14 10.69
C GLY A 264 9.70 15.75 9.32
N GLY A 265 9.47 16.61 8.33
CA GLY A 265 9.89 16.32 6.97
C GLY A 265 11.21 17.00 6.60
N GLY A 266 11.87 17.56 7.61
CA GLY A 266 13.11 18.30 7.39
C GLY A 266 12.87 19.60 6.66
N THR A 267 13.97 20.23 6.25
CA THR A 267 13.94 21.54 5.59
C THR A 267 13.06 21.57 4.35
N LEU A 268 13.21 20.57 3.48
CA LEU A 268 12.52 20.53 2.19
C LEU A 268 11.00 20.56 2.34
N LEU A 269 10.50 19.94 3.41
CA LEU A 269 9.06 19.83 3.65
C LEU A 269 8.54 20.89 4.63
N SER A 270 8.79 22.17 4.31
CA SER A 270 8.31 23.29 5.10
C SER A 270 8.42 24.61 4.34
N GLY A 271 7.44 24.88 3.47
CA GLY A 271 7.43 26.12 2.64
C GLY A 271 8.64 26.32 1.75
N ALA A 272 8.83 25.43 0.78
CA ALA A 272 9.92 25.51 -0.21
C ALA A 272 9.41 25.34 -1.65
N TYR A 273 8.21 24.79 -1.80
CA TYR A 273 7.54 24.64 -3.10
C TYR A 273 7.23 25.99 -3.75
N LYS B 26 4.57 -1.89 18.94
CA LYS B 26 5.17 -2.69 17.84
C LYS B 26 4.69 -2.21 16.46
N VAL B 27 5.54 -2.35 15.44
CA VAL B 27 5.12 -2.08 14.06
C VAL B 27 4.77 -3.38 13.35
N VAL B 28 3.48 -3.54 13.04
CA VAL B 28 2.96 -4.70 12.33
C VAL B 28 2.84 -4.38 10.84
N ARG B 29 3.53 -5.16 10.02
CA ARG B 29 3.50 -4.95 8.58
C ARG B 29 2.42 -5.77 7.94
N VAL B 30 1.52 -5.09 7.23
CA VAL B 30 0.33 -5.71 6.67
C VAL B 30 0.43 -5.85 5.15
N GLY B 31 0.31 -7.07 4.66
CA GLY B 31 0.34 -7.34 3.24
C GLY B 31 -1.06 -7.50 2.67
N GLN B 32 -1.27 -6.94 1.49
CA GLN B 32 -2.57 -7.03 0.84
C GLN B 32 -2.46 -7.33 -0.66
N ILE B 33 -3.00 -8.46 -1.05
CA ILE B 33 -3.11 -8.82 -2.45
C ILE B 33 -4.45 -8.27 -2.96
N VAL B 34 -4.38 -7.31 -3.89
CA VAL B 34 -5.59 -6.69 -4.40
C VAL B 34 -5.71 -6.80 -5.92
N PRO B 35 -6.94 -6.73 -6.45
CA PRO B 35 -7.11 -6.52 -7.89
C PRO B 35 -6.60 -5.13 -8.28
N SER B 36 -5.92 -5.03 -9.41
CA SER B 36 -5.26 -3.78 -9.82
C SER B 36 -6.18 -2.57 -9.77
N SER B 37 -7.44 -2.78 -10.11
CA SER B 37 -8.43 -1.72 -10.16
C SER B 37 -9.00 -1.41 -8.78
N ASN B 38 -8.94 -2.39 -7.88
CA ASN B 38 -9.49 -2.23 -6.54
C ASN B 38 -8.84 -1.10 -5.78
N ILE B 39 -9.68 -0.28 -5.15
CA ILE B 39 -9.23 0.89 -4.44
C ILE B 39 -9.82 0.96 -3.02
N THR B 40 -10.81 0.10 -2.78
CA THR B 40 -11.53 0.07 -1.52
C THR B 40 -10.74 -0.59 -0.39
N MET B 41 -10.14 -1.74 -0.66
CA MET B 41 -9.36 -2.45 0.37
C MET B 41 -8.21 -1.61 0.93
N GLU B 42 -7.44 -0.99 0.03
CA GLU B 42 -6.36 -0.08 0.41
C GLU B 42 -6.85 1.24 1.05
N THR B 43 -8.16 1.42 1.13
CA THR B 43 -8.74 2.55 1.85
C THR B 43 -9.27 2.09 3.22
N GLU B 44 -10.27 1.22 3.20
CA GLU B 44 -11.03 0.87 4.39
C GLU B 44 -10.21 0.12 5.43
N ILE B 45 -9.27 -0.69 5.00
CA ILE B 45 -8.44 -1.41 5.96
C ILE B 45 -7.42 -0.50 6.65
N PRO B 46 -6.64 0.30 5.88
CA PRO B 46 -5.82 1.31 6.54
C PRO B 46 -6.64 2.22 7.44
N ALA B 47 -7.81 2.64 6.96
CA ALA B 47 -8.72 3.47 7.75
C ALA B 47 -9.08 2.79 9.07
N LEU B 48 -9.42 1.51 8.98
CA LEU B 48 -9.79 0.72 10.15
C LEU B 48 -8.65 0.62 11.15
N LEU B 49 -7.47 0.23 10.67
CA LEU B 49 -6.31 0.10 11.52
C LEU B 49 -5.83 1.46 12.05
N LYS B 50 -5.96 2.49 11.23
CA LYS B 50 -5.63 3.86 11.60
C LYS B 50 -6.42 4.28 12.84
N ALA B 51 -7.64 3.75 12.96
CA ALA B 51 -8.50 4.00 14.10
C ALA B 51 -8.10 3.14 15.30
N ARG B 52 -7.62 1.93 15.04
CA ARG B 52 -7.14 1.04 16.11
C ARG B 52 -5.91 1.64 16.80
N GLU B 53 -5.26 2.58 16.13
CA GLU B 53 -4.08 3.25 16.69
C GLU B 53 -4.48 4.29 17.74
N LEU B 54 -5.75 4.68 17.76
CA LEU B 54 -6.27 5.59 18.77
C LEU B 54 -6.66 4.86 20.05
N VAL B 55 -6.61 3.54 20.00
CA VAL B 55 -7.12 2.69 21.07
C VAL B 55 -6.05 1.71 21.56
N ALA B 56 -5.18 1.26 20.66
CA ALA B 56 -4.15 0.27 20.97
C ALA B 56 -2.76 0.71 20.49
N PRO B 57 -1.69 0.32 21.22
CA PRO B 57 -0.34 0.84 20.97
C PRO B 57 0.33 0.40 19.67
N GLU B 58 -0.13 -0.70 19.07
CA GLU B 58 0.51 -1.23 17.87
C GLU B 58 0.30 -0.35 16.63
N ARG B 59 1.41 -0.07 15.95
CA ARG B 59 1.41 0.71 14.72
C ARG B 59 1.37 -0.24 13.53
N PHE B 60 0.83 0.22 12.41
CA PHE B 60 0.71 -0.62 11.23
C PHE B 60 1.31 0.05 10.01
N THR B 61 1.94 -0.75 9.16
CA THR B 61 2.36 -0.30 7.84
C THR B 61 1.70 -1.22 6.82
N PHE B 62 1.40 -0.69 5.64
CA PHE B 62 0.61 -1.41 4.64
C PHE B 62 1.34 -1.59 3.34
N HIS B 63 1.35 -2.82 2.85
CA HIS B 63 2.13 -3.20 1.69
C HIS B 63 1.26 -4.00 0.76
N SER B 64 1.21 -3.57 -0.50
CA SER B 64 0.24 -4.10 -1.44
C SER B 64 0.85 -4.71 -2.69
N SER B 65 0.18 -5.73 -3.23
CA SER B 65 0.56 -6.35 -4.50
C SER B 65 -0.66 -6.51 -5.42
N ARG B 66 -0.47 -6.22 -6.70
CA ARG B 66 -1.59 -6.17 -7.66
C ARG B 66 -1.60 -7.32 -8.66
N MET B 67 -2.81 -7.71 -9.06
CA MET B 67 -3.04 -8.70 -10.12
C MET B 67 -4.01 -8.11 -11.14
N ARG B 68 -3.58 -8.06 -12.41
CA ARG B 68 -4.39 -7.47 -13.48
C ARG B 68 -5.78 -8.08 -13.57
N MET B 69 -6.77 -7.19 -13.70
CA MET B 69 -8.19 -7.52 -13.80
C MET B 69 -8.97 -6.20 -13.78
N LYS B 70 -9.71 -5.93 -14.85
CA LYS B 70 -10.51 -4.71 -14.93
C LYS B 70 -12.01 -4.95 -14.74
N HIS B 71 -12.55 -5.93 -15.47
CA HIS B 71 -13.98 -6.21 -15.42
C HIS B 71 -14.28 -7.47 -14.67
N VAL B 72 -15.28 -7.40 -13.79
CA VAL B 72 -15.64 -8.51 -12.91
C VAL B 72 -16.47 -9.57 -13.65
N THR B 73 -15.77 -10.48 -14.32
CA THR B 73 -16.39 -11.61 -15.01
C THR B 73 -15.71 -12.92 -14.61
N LYS B 74 -16.44 -14.03 -14.69
CA LYS B 74 -15.93 -15.36 -14.30
C LYS B 74 -14.57 -15.72 -14.91
N GLU B 75 -14.40 -15.43 -16.20
CA GLU B 75 -13.16 -15.73 -16.91
C GLU B 75 -11.99 -14.86 -16.43
N GLU B 76 -12.26 -13.58 -16.19
CA GLU B 76 -11.26 -12.65 -15.66
C GLU B 76 -10.96 -12.89 -14.19
N LEU B 77 -11.89 -13.55 -13.50
CA LEU B 77 -11.72 -13.93 -12.09
C LEU B 77 -10.78 -15.12 -11.93
N ALA B 78 -10.91 -16.10 -12.83
CA ALA B 78 -10.02 -17.27 -12.83
C ALA B 78 -8.60 -16.85 -13.20
N ARG B 79 -8.48 -16.00 -14.22
CA ARG B 79 -7.20 -15.42 -14.65
C ARG B 79 -6.45 -14.75 -13.50
N MET B 80 -7.20 -13.95 -12.74
CA MET B 80 -6.68 -13.18 -11.62
C MET B 80 -6.21 -14.09 -10.48
N ASP B 81 -6.96 -15.15 -10.24
CA ASP B 81 -6.65 -16.12 -9.20
C ASP B 81 -5.37 -16.89 -9.48
N GLY B 82 -5.02 -17.02 -10.77
CA GLY B 82 -3.77 -17.64 -11.18
C GLY B 82 -2.57 -16.84 -10.73
N ASP B 83 -2.68 -15.51 -10.84
CA ASP B 83 -1.61 -14.59 -10.44
C ASP B 83 -1.51 -14.44 -8.92
N SER B 84 -2.39 -15.13 -8.21
CA SER B 84 -2.43 -15.12 -6.74
C SER B 84 -1.08 -15.51 -6.11
N ASP B 85 -0.47 -16.57 -6.64
CA ASP B 85 0.82 -17.04 -6.14
C ASP B 85 1.94 -16.03 -6.35
N ARG B 86 2.04 -15.51 -7.58
CA ARG B 86 2.97 -14.45 -7.90
C ARG B 86 2.97 -13.33 -6.85
N CYS B 87 1.78 -12.83 -6.53
CA CYS B 87 1.61 -11.77 -5.54
C CYS B 87 2.11 -12.16 -4.15
N ALA B 88 1.79 -13.39 -3.74
CA ALA B 88 2.20 -13.90 -2.43
C ALA B 88 3.71 -14.04 -2.31
N LEU B 89 4.38 -14.22 -3.44
CA LEU B 89 5.85 -14.17 -3.49
C LEU B 89 6.33 -12.74 -3.26
N GLU B 90 5.81 -11.83 -4.08
CA GLU B 90 6.15 -10.41 -4.01
C GLU B 90 6.02 -9.81 -2.60
N LEU B 91 4.95 -10.17 -1.89
CA LEU B 91 4.71 -9.62 -0.55
C LEU B 91 5.50 -10.32 0.56
N SER B 92 5.85 -11.59 0.35
CA SER B 92 6.67 -12.30 1.32
C SER B 92 8.15 -11.97 1.12
N ASP B 93 8.46 -11.27 0.04
CA ASP B 93 9.79 -10.68 -0.16
C ASP B 93 10.01 -9.55 0.83
N ALA B 94 8.92 -9.05 1.41
CA ALA B 94 8.96 -7.93 2.33
C ALA B 94 8.76 -8.36 3.78
N ARG B 95 8.95 -9.65 4.05
CA ARG B 95 8.77 -10.24 5.39
C ARG B 95 7.54 -9.70 6.12
N VAL B 96 6.40 -9.77 5.43
CA VAL B 96 5.14 -9.20 5.89
C VAL B 96 4.51 -10.04 7.00
N ASP B 97 3.94 -9.39 8.01
CA ASP B 97 3.41 -10.07 9.19
C ASP B 97 2.10 -10.83 8.97
N VAL B 98 1.25 -10.31 8.11
CA VAL B 98 0.01 -11.00 7.70
C VAL B 98 -0.25 -10.76 6.21
N MET B 99 -0.92 -11.71 5.58
CA MET B 99 -1.35 -11.53 4.21
C MET B 99 -2.85 -11.55 4.03
N GLY B 100 -3.35 -10.54 3.33
CA GLY B 100 -4.76 -10.45 2.98
C GLY B 100 -4.94 -10.66 1.50
N TYR B 101 -5.56 -11.77 1.14
CA TYR B 101 -5.94 -12.02 -0.24
C TYR B 101 -7.34 -11.48 -0.44
N ALA B 102 -7.40 -10.25 -0.94
CA ALA B 102 -8.66 -9.59 -1.22
C ALA B 102 -9.32 -10.13 -2.48
N CYS B 103 -10.66 -10.05 -2.47
CA CYS B 103 -11.55 -10.50 -3.56
C CYS B 103 -12.06 -11.89 -3.29
N LEU B 104 -13.17 -11.94 -2.55
CA LEU B 104 -13.82 -13.18 -2.17
C LEU B 104 -14.54 -13.82 -3.35
N VAL B 105 -15.02 -12.99 -4.26
CA VAL B 105 -15.81 -13.48 -5.40
C VAL B 105 -14.99 -14.39 -6.32
N ALA B 106 -13.71 -14.06 -6.51
CA ALA B 106 -12.78 -14.88 -7.27
C ALA B 106 -12.62 -16.25 -6.62
N ILE B 107 -12.57 -16.27 -5.29
CA ILE B 107 -12.43 -17.49 -4.51
C ILE B 107 -13.71 -18.34 -4.56
N MET B 108 -14.85 -17.67 -4.38
CA MET B 108 -16.15 -18.36 -4.34
C MET B 108 -16.62 -18.81 -5.72
N SER B 109 -16.04 -18.24 -6.77
CA SER B 109 -16.33 -18.68 -8.15
C SER B 109 -15.37 -19.77 -8.61
N MET B 110 -14.49 -20.21 -7.71
CA MET B 110 -13.61 -21.34 -7.97
C MET B 110 -14.24 -22.63 -7.44
N GLY B 111 -15.37 -22.51 -6.75
CA GLY B 111 -16.07 -23.67 -6.19
C GLY B 111 -16.02 -23.72 -4.68
N HIS B 112 -16.89 -24.54 -4.09
CA HIS B 112 -17.07 -24.60 -2.63
C HIS B 112 -15.83 -24.92 -1.86
N GLY B 113 -15.66 -24.26 -0.72
CA GLY B 113 -14.54 -24.52 0.19
C GLY B 113 -13.17 -24.07 -0.28
N TYR B 114 -13.10 -23.33 -1.39
CA TYR B 114 -11.83 -22.93 -1.98
C TYR B 114 -11.00 -21.97 -1.12
N HIS B 115 -11.67 -21.23 -0.22
CA HIS B 115 -10.97 -20.30 0.67
C HIS B 115 -9.92 -20.99 1.50
N ARG B 116 -10.18 -22.23 1.88
CA ARG B 116 -9.25 -23.03 2.68
C ARG B 116 -8.11 -23.52 1.79
N VAL B 117 -8.41 -23.79 0.53
CA VAL B 117 -7.44 -24.28 -0.45
C VAL B 117 -6.46 -23.17 -0.82
N SER B 118 -7.00 -21.99 -1.06
CA SER B 118 -6.19 -20.82 -1.38
C SER B 118 -5.26 -20.51 -0.22
N ALA B 119 -5.82 -20.49 1.00
CA ALA B 119 -5.06 -20.25 2.20
C ALA B 119 -3.87 -21.21 2.31
N GLU B 120 -4.17 -22.50 2.27
CA GLU B 120 -3.17 -23.56 2.43
C GLU B 120 -2.01 -23.46 1.44
N ARG B 121 -2.36 -23.28 0.16
CA ARG B 121 -1.37 -23.19 -0.90
C ARG B 121 -0.52 -21.93 -0.77
N LEU B 122 -1.16 -20.80 -0.52
CA LEU B 122 -0.46 -19.52 -0.42
C LEU B 122 0.48 -19.42 0.78
N ARG B 123 0.08 -20.05 1.89
CA ARG B 123 0.95 -20.20 3.06
C ARG B 123 2.21 -20.99 2.69
N ASN B 124 2.04 -22.08 1.94
CA ASN B 124 3.18 -22.84 1.41
C ASN B 124 4.10 -21.99 0.57
N VAL B 125 3.52 -21.11 -0.25
CA VAL B 125 4.28 -20.20 -1.09
C VAL B 125 5.19 -19.28 -0.26
N THR B 126 4.67 -18.76 0.85
CA THR B 126 5.44 -17.88 1.73
C THR B 126 6.51 -18.64 2.54
N GLU B 127 6.18 -19.87 2.93
CA GLU B 127 7.14 -20.78 3.55
C GLU B 127 8.29 -21.09 2.60
N ASN B 128 7.96 -21.36 1.34
CA ASN B 128 8.95 -21.66 0.31
C ASN B 128 9.83 -20.46 -0.04
N ASN B 129 9.49 -19.30 0.52
CA ASN B 129 10.27 -18.09 0.31
C ASN B 129 10.95 -17.62 1.60
N ASP B 130 11.12 -18.56 2.53
CA ASP B 130 11.82 -18.34 3.82
C ASP B 130 11.21 -17.26 4.71
N ALA B 131 9.92 -16.98 4.51
CA ALA B 131 9.19 -16.04 5.33
C ALA B 131 7.75 -16.53 5.53
N ALA B 132 7.59 -17.52 6.40
CA ALA B 132 6.29 -18.10 6.71
C ALA B 132 5.39 -17.09 7.42
N THR B 133 4.25 -16.75 6.81
CA THR B 133 3.29 -15.81 7.40
C THR B 133 1.85 -16.34 7.32
N PRO B 134 0.97 -15.91 8.24
CA PRO B 134 -0.44 -16.35 8.18
C PRO B 134 -1.22 -15.63 7.08
N ILE B 135 -1.93 -16.41 6.28
CA ILE B 135 -2.62 -15.89 5.11
C ILE B 135 -4.13 -15.91 5.27
N ILE B 136 -4.76 -14.78 4.93
CA ILE B 136 -6.19 -14.59 5.14
C ILE B 136 -6.92 -14.20 3.86
N THR B 137 -7.89 -15.02 3.48
CA THR B 137 -8.76 -14.76 2.34
C THR B 137 -9.96 -13.95 2.82
N SER B 138 -10.46 -13.07 1.95
CA SER B 138 -11.64 -12.24 2.26
C SER B 138 -12.86 -13.12 2.46
N ALA B 139 -12.92 -14.18 1.65
CA ALA B 139 -13.96 -15.18 1.72
C ALA B 139 -13.99 -15.84 3.09
N GLY B 140 -12.87 -16.45 3.47
CA GLY B 140 -12.75 -17.18 4.75
C GLY B 140 -13.04 -16.29 5.95
N ALA B 141 -12.54 -15.06 5.90
CA ALA B 141 -12.79 -14.07 6.93
C ALA B 141 -14.29 -13.82 7.13
N LEU B 142 -15.00 -13.58 6.02
CA LEU B 142 -16.44 -13.33 6.05
C LEU B 142 -17.19 -14.47 6.73
N ILE B 143 -16.90 -15.69 6.28
CA ILE B 143 -17.50 -16.88 6.87
C ILE B 143 -17.17 -16.96 8.35
N ASP B 144 -15.88 -16.87 8.66
CA ASP B 144 -15.41 -17.00 10.03
C ASP B 144 -15.93 -15.89 10.92
N GLY B 145 -16.04 -14.69 10.35
CA GLY B 145 -16.56 -13.53 11.06
C GLY B 145 -18.03 -13.68 11.37
N ILE B 146 -18.79 -14.18 10.38
CA ILE B 146 -20.20 -14.44 10.60
C ILE B 146 -20.35 -15.45 11.73
N ARG B 147 -19.59 -16.54 11.66
CA ARG B 147 -19.58 -17.57 12.70
C ARG B 147 -19.23 -17.04 14.08
N ALA B 148 -18.28 -16.10 14.14
CA ALA B 148 -17.82 -15.52 15.39
C ALA B 148 -18.89 -14.65 16.06
N LEU B 149 -19.88 -14.23 15.28
CA LEU B 149 -21.02 -13.46 15.78
C LEU B 149 -22.10 -14.36 16.39
N GLY B 150 -22.11 -15.63 15.98
CA GLY B 150 -23.19 -16.53 16.37
C GLY B 150 -24.35 -16.39 15.40
N ALA B 151 -24.12 -15.67 14.30
CA ALA B 151 -25.13 -15.46 13.27
C ALA B 151 -25.33 -16.72 12.43
N LYS B 152 -26.58 -17.17 12.34
CA LYS B 152 -26.91 -18.34 11.54
C LYS B 152 -27.62 -17.97 10.25
N ARG B 153 -28.31 -16.83 10.26
CA ARG B 153 -28.97 -16.31 9.06
C ARG B 153 -28.38 -14.95 8.71
N VAL B 154 -28.40 -14.61 7.43
CA VAL B 154 -27.71 -13.41 6.95
C VAL B 154 -28.39 -12.77 5.74
N ALA B 155 -28.37 -11.44 5.71
CA ALA B 155 -28.75 -10.67 4.53
C ALA B 155 -27.50 -10.19 3.81
N VAL B 156 -27.53 -10.18 2.48
CA VAL B 156 -26.34 -9.88 1.67
C VAL B 156 -26.60 -8.77 0.65
N VAL B 157 -25.65 -7.85 0.55
CA VAL B 157 -25.66 -6.84 -0.49
C VAL B 157 -24.35 -6.94 -1.27
N THR B 158 -24.44 -7.05 -2.59
CA THR B 158 -23.27 -7.12 -3.47
C THR B 158 -23.45 -6.22 -4.69
N PRO B 159 -22.34 -5.72 -5.27
CA PRO B 159 -22.45 -4.89 -6.47
C PRO B 159 -22.42 -5.68 -7.76
N TYR B 160 -22.23 -7.01 -7.65
CA TYR B 160 -22.02 -7.86 -8.82
C TYR B 160 -23.32 -8.14 -9.58
N MET B 161 -23.18 -8.71 -10.78
CA MET B 161 -24.32 -9.16 -11.58
C MET B 161 -24.98 -10.36 -10.91
N LYS B 162 -26.20 -10.68 -11.35
CA LYS B 162 -26.98 -11.78 -10.77
C LYS B 162 -26.22 -13.12 -10.59
N PRO B 163 -25.68 -13.69 -11.68
CA PRO B 163 -25.03 -15.01 -11.55
C PRO B 163 -23.91 -15.03 -10.50
N LEU B 164 -23.13 -13.96 -10.48
CA LEU B 164 -21.98 -13.83 -9.60
C LEU B 164 -22.41 -13.65 -8.14
N THR B 165 -23.60 -13.09 -7.93
CA THR B 165 -24.17 -12.93 -6.58
C THR B 165 -24.83 -14.22 -6.11
N GLU B 166 -25.25 -15.05 -7.06
CA GLU B 166 -25.77 -16.39 -6.77
C GLU B 166 -24.65 -17.25 -6.20
N LEU B 167 -23.50 -17.22 -6.86
CA LEU B 167 -22.30 -17.94 -6.43
C LEU B 167 -21.92 -17.60 -4.99
N VAL B 168 -21.94 -16.33 -4.65
CA VAL B 168 -21.60 -15.87 -3.30
C VAL B 168 -22.63 -16.37 -2.28
N VAL B 169 -23.91 -16.13 -2.56
CA VAL B 169 -25.01 -16.55 -1.69
C VAL B 169 -24.99 -18.08 -1.46
N ASP B 170 -24.84 -18.82 -2.55
CA ASP B 170 -24.80 -20.28 -2.49
C ASP B 170 -23.61 -20.78 -1.68
N TYR B 171 -22.44 -20.16 -1.89
CA TYR B 171 -21.21 -20.50 -1.19
C TYR B 171 -21.33 -20.30 0.31
N ILE B 172 -21.95 -19.18 0.71
CA ILE B 172 -22.22 -18.89 2.12
C ILE B 172 -23.12 -19.96 2.71
N ARG B 173 -24.22 -20.25 2.02
CA ARG B 173 -25.13 -21.32 2.41
C ARG B 173 -24.40 -22.64 2.62
N HIS B 174 -23.47 -22.93 1.70
CA HIS B 174 -22.65 -24.15 1.76
C HIS B 174 -21.79 -24.21 3.00
N GLU B 175 -21.57 -23.06 3.64
CA GLU B 175 -20.75 -23.03 4.85
C GLU B 175 -21.62 -23.05 6.12
N GLY B 176 -22.84 -23.57 5.97
CA GLY B 176 -23.76 -23.73 7.10
C GLY B 176 -24.44 -22.47 7.59
N ILE B 177 -24.41 -21.41 6.78
CA ILE B 177 -25.04 -20.13 7.13
C ILE B 177 -26.21 -19.81 6.18
N GLU B 178 -27.41 -19.72 6.76
CA GLU B 178 -28.61 -19.37 5.98
C GLU B 178 -28.52 -17.96 5.41
N VAL B 179 -28.93 -17.81 4.16
CA VAL B 179 -28.99 -16.51 3.52
C VAL B 179 -30.45 -16.12 3.38
N GLY B 180 -30.84 -15.06 4.08
CA GLY B 180 -32.20 -14.52 4.00
C GLY B 180 -32.41 -13.75 2.71
N ASP B 181 -32.71 -12.46 2.84
CA ASP B 181 -32.82 -11.59 1.68
C ASP B 181 -31.43 -11.18 1.21
N TYR B 182 -31.25 -11.11 -0.11
CA TYR B 182 -30.02 -10.58 -0.68
C TYR B 182 -30.33 -9.61 -1.82
N ARG B 183 -29.38 -8.71 -2.09
CA ARG B 183 -29.55 -7.74 -3.17
C ARG B 183 -28.28 -7.52 -4.00
N ALA B 184 -28.46 -7.43 -5.31
CA ALA B 184 -27.38 -7.10 -6.23
C ALA B 184 -27.54 -5.68 -6.73
N LEU B 185 -26.41 -4.98 -6.87
CA LEU B 185 -26.41 -3.63 -7.40
C LEU B 185 -26.16 -3.65 -8.90
N GLU B 186 -25.66 -4.80 -9.38
CA GLU B 186 -25.40 -5.07 -10.79
C GLU B 186 -24.56 -4.02 -11.52
N ILE B 187 -23.32 -3.89 -11.07
CA ILE B 187 -22.30 -3.04 -11.71
C ILE B 187 -21.10 -3.93 -12.06
N SER B 188 -20.89 -4.13 -13.36
CA SER B 188 -19.83 -5.02 -13.85
C SER B 188 -18.46 -4.35 -13.92
N ASP B 189 -18.45 -3.06 -14.29
CA ASP B 189 -17.23 -2.25 -14.32
C ASP B 189 -16.76 -1.97 -12.90
N ASN B 190 -15.52 -2.39 -12.60
CA ASN B 190 -14.98 -2.31 -11.24
C ASN B 190 -14.68 -0.88 -10.77
N LEU B 191 -14.50 0.04 -11.73
CA LEU B 191 -14.29 1.46 -11.43
C LEU B 191 -15.57 2.19 -11.00
N ALA B 192 -16.71 1.75 -11.54
CA ALA B 192 -18.02 2.29 -11.18
C ALA B 192 -18.50 1.76 -9.82
N VAL B 193 -17.99 0.59 -9.43
CA VAL B 193 -18.27 -0.03 -8.13
C VAL B 193 -17.60 0.78 -7.00
N ALA B 194 -16.39 1.26 -7.27
CA ALA B 194 -15.63 2.06 -6.32
C ALA B 194 -16.11 3.52 -6.27
N ALA B 195 -16.81 3.94 -7.32
CA ALA B 195 -17.40 5.28 -7.39
C ALA B 195 -18.82 5.32 -6.82
N HIS B 196 -19.29 4.17 -6.32
CA HIS B 196 -20.62 4.05 -5.74
C HIS B 196 -20.73 4.78 -4.44
N ASP B 197 -21.78 5.58 -4.30
CA ASP B 197 -22.04 6.35 -3.09
C ASP B 197 -22.50 5.41 -1.97
N PRO B 198 -21.73 5.34 -0.88
CA PRO B 198 -22.05 4.44 0.24
C PRO B 198 -23.32 4.86 1.00
N MET B 199 -23.70 6.13 0.89
CA MET B 199 -24.88 6.66 1.60
C MET B 199 -26.19 6.18 1.00
N ASN B 200 -26.10 5.51 -0.16
CA ASN B 200 -27.23 4.83 -0.76
C ASN B 200 -27.57 3.60 0.05
N LEU B 201 -26.53 2.93 0.55
CA LEU B 201 -26.66 1.65 1.24
C LEU B 201 -27.57 1.66 2.48
N PRO B 202 -27.48 2.70 3.34
CA PRO B 202 -28.45 2.76 4.44
C PRO B 202 -29.88 2.57 3.94
N GLY B 203 -30.24 3.29 2.88
CA GLY B 203 -31.55 3.15 2.26
C GLY B 203 -31.77 1.77 1.67
N ILE B 204 -30.85 1.37 0.79
CA ILE B 204 -30.92 0.09 0.10
C ILE B 204 -31.21 -1.07 1.06
N ILE B 205 -30.55 -1.06 2.21
CA ILE B 205 -30.68 -2.14 3.19
C ILE B 205 -32.02 -2.11 3.92
N ALA B 206 -32.52 -0.90 4.21
CA ALA B 206 -33.79 -0.73 4.91
C ALA B 206 -34.98 -1.28 4.12
N SER B 207 -34.85 -1.29 2.79
CA SER B 207 -35.89 -1.83 1.91
C SER B 207 -35.73 -3.33 1.70
N MET B 208 -34.92 -3.95 2.54
CA MET B 208 -34.79 -5.41 2.60
C MET B 208 -35.46 -5.92 3.87
N ARG B 209 -35.45 -7.23 4.06
CA ARG B 209 -35.92 -7.82 5.30
C ARG B 209 -34.73 -8.05 6.22
N THR B 210 -34.76 -7.41 7.39
CA THR B 210 -33.61 -7.44 8.29
C THR B 210 -33.97 -7.91 9.71
N ASP B 211 -35.27 -8.06 9.97
CA ASP B 211 -35.74 -8.46 11.30
C ASP B 211 -35.59 -9.96 11.56
N ASP B 212 -35.75 -10.77 10.51
CA ASP B 212 -35.64 -12.23 10.61
C ASP B 212 -34.22 -12.74 10.38
N VAL B 213 -33.29 -11.81 10.25
CA VAL B 213 -31.91 -12.08 9.87
C VAL B 213 -30.98 -11.77 11.04
N ASP B 214 -30.05 -12.67 11.33
CA ASP B 214 -29.12 -12.50 12.45
C ASP B 214 -28.10 -11.38 12.25
N ALA B 215 -27.63 -11.19 11.01
CA ALA B 215 -26.59 -10.21 10.71
C ALA B 215 -26.61 -9.76 9.24
N ILE B 216 -26.06 -8.58 8.98
CA ILE B 216 -26.09 -8.01 7.64
C ILE B 216 -24.70 -7.91 7.02
N VAL B 217 -24.53 -8.60 5.90
CA VAL B 217 -23.35 -8.46 5.06
C VAL B 217 -23.55 -7.24 4.15
N ILE B 218 -23.19 -6.05 4.66
CA ILE B 218 -23.37 -4.79 3.90
C ILE B 218 -22.66 -4.85 2.55
N SER B 219 -21.48 -5.45 2.53
CA SER B 219 -20.73 -5.64 1.30
C SER B 219 -20.08 -7.01 1.26
N ALA B 220 -20.59 -7.86 0.38
CA ALA B 220 -19.94 -9.12 0.04
C ALA B 220 -19.02 -8.84 -1.14
N CYS B 221 -18.30 -7.73 -1.04
CA CYS B 221 -17.36 -7.29 -2.05
C CYS B 221 -16.21 -6.54 -1.40
N VAL B 222 -15.06 -6.55 -2.09
CA VAL B 222 -13.87 -5.87 -1.63
C VAL B 222 -13.64 -4.55 -2.37
N GLN B 223 -14.48 -4.28 -3.37
CA GLN B 223 -14.36 -3.06 -4.19
C GLN B 223 -15.42 -1.99 -3.90
N MET B 224 -16.53 -2.38 -3.29
CA MET B 224 -17.59 -1.42 -2.99
C MET B 224 -17.40 -0.78 -1.60
N PRO B 225 -17.25 0.57 -1.57
CA PRO B 225 -17.14 1.32 -0.31
C PRO B 225 -18.33 1.11 0.61
N SER B 226 -18.06 0.84 1.88
CA SER B 226 -19.10 0.46 2.84
C SER B 226 -18.86 1.08 4.22
N LEU B 227 -17.59 1.26 4.56
CA LEU B 227 -17.19 1.61 5.92
C LEU B 227 -17.95 2.79 6.54
N ASN B 228 -18.17 3.83 5.74
CA ASN B 228 -18.86 5.05 6.19
C ASN B 228 -20.34 4.84 6.49
N ALA B 229 -20.91 3.78 5.92
CA ALA B 229 -22.31 3.45 6.12
C ALA B 229 -22.51 2.44 7.27
N ILE B 230 -21.42 1.80 7.69
CA ILE B 230 -21.48 0.64 8.58
C ILE B 230 -22.24 0.85 9.88
N THR B 231 -21.75 1.74 10.75
CA THR B 231 -22.37 1.95 12.07
C THR B 231 -23.72 2.65 11.95
N MET B 232 -23.93 3.30 10.81
CA MET B 232 -25.17 4.00 10.50
C MET B 232 -26.30 3.02 10.14
N VAL B 233 -25.99 2.05 9.29
CA VAL B 233 -26.91 0.96 8.99
C VAL B 233 -27.21 0.19 10.27
N GLU B 234 -26.14 -0.22 10.95
CA GLU B 234 -26.22 -0.92 12.23
C GLU B 234 -27.18 -0.24 13.21
N ALA B 235 -27.13 1.08 13.28
CA ALA B 235 -27.96 1.87 14.19
C ALA B 235 -29.46 1.71 13.93
N GLN B 236 -29.87 1.94 12.69
CA GLN B 236 -31.28 1.89 12.32
C GLN B 236 -31.86 0.47 12.27
N THR B 237 -31.07 -0.49 11.79
CA THR B 237 -31.51 -1.89 11.73
C THR B 237 -31.51 -2.56 13.11
N ARG B 238 -30.62 -2.09 13.98
CA ARG B 238 -30.39 -2.71 15.29
C ARG B 238 -29.91 -4.15 15.11
N LYS B 239 -29.20 -4.39 14.01
CA LYS B 239 -28.67 -5.71 13.66
C LYS B 239 -27.18 -5.57 13.31
N PRO B 240 -26.37 -6.61 13.62
CA PRO B 240 -24.93 -6.56 13.36
C PRO B 240 -24.59 -6.48 11.87
N VAL B 241 -23.66 -5.57 11.52
CA VAL B 241 -23.32 -5.30 10.12
C VAL B 241 -21.85 -5.59 9.81
N ILE B 242 -21.62 -6.37 8.75
CA ILE B 242 -20.28 -6.78 8.36
C ILE B 242 -20.00 -6.47 6.89
N SER B 243 -18.79 -6.02 6.63
CA SER B 243 -18.28 -5.92 5.27
C SER B 243 -17.15 -6.92 5.10
N ALA B 244 -16.77 -7.18 3.85
CA ALA B 244 -15.60 -8.02 3.58
C ALA B 244 -14.37 -7.39 4.23
N ALA B 245 -14.28 -6.06 4.12
CA ALA B 245 -13.15 -5.30 4.65
C ALA B 245 -12.98 -5.52 6.15
N VAL B 246 -14.03 -5.27 6.93
CA VAL B 246 -13.95 -5.42 8.39
C VAL B 246 -13.56 -6.84 8.81
N ALA B 247 -14.10 -7.84 8.10
CA ALA B 247 -13.80 -9.23 8.38
C ALA B 247 -12.31 -9.55 8.17
N THR B 248 -11.76 -9.05 7.06
CA THR B 248 -10.34 -9.22 6.73
C THR B 248 -9.49 -8.64 7.85
N THR B 249 -9.81 -7.42 8.26
CA THR B 249 -9.15 -6.73 9.36
C THR B 249 -9.29 -7.48 10.69
N TRP B 250 -10.47 -8.03 10.92
CA TRP B 250 -10.72 -8.82 12.11
C TRP B 250 -9.87 -10.05 12.13
N ALA B 251 -9.89 -10.78 11.00
CA ALA B 251 -9.14 -12.02 10.86
C ALA B 251 -7.64 -11.82 11.05
N MET B 252 -7.12 -10.74 10.46
CA MET B 252 -5.71 -10.38 10.56
C MET B 252 -5.29 -10.20 12.01
N LEU B 253 -6.14 -9.51 12.78
CA LEU B 253 -5.87 -9.22 14.18
C LEU B 253 -5.89 -10.47 15.06
N THR B 254 -6.79 -11.40 14.75
CA THR B 254 -6.90 -12.66 15.49
C THR B 254 -5.72 -13.55 15.15
N ALA B 255 -5.30 -13.51 13.88
CA ALA B 255 -4.11 -14.24 13.41
C ALA B 255 -2.85 -13.81 14.14
N LEU B 256 -2.85 -12.58 14.64
CA LEU B 256 -1.69 -11.99 15.31
C LEU B 256 -1.79 -12.02 16.82
N ASP B 257 -2.91 -12.53 17.33
CA ASP B 257 -3.22 -12.51 18.77
C ASP B 257 -3.25 -11.10 19.35
N LEU B 258 -3.84 -10.18 18.58
CA LEU B 258 -4.07 -8.80 19.03
C LEU B 258 -5.55 -8.60 19.36
N PRO B 259 -5.87 -7.75 20.37
CA PRO B 259 -7.26 -7.44 20.63
C PRO B 259 -7.94 -6.84 19.39
N THR B 260 -9.23 -7.13 19.24
CA THR B 260 -9.94 -6.86 17.99
C THR B 260 -10.89 -5.66 18.04
N ARG B 261 -10.72 -4.78 19.03
CA ARG B 261 -11.53 -3.57 19.12
C ARG B 261 -11.00 -2.50 18.15
N VAL B 262 -11.86 -2.11 17.22
CA VAL B 262 -11.55 -1.06 16.26
C VAL B 262 -12.74 -0.12 16.19
N PRO B 263 -12.53 1.14 16.59
CA PRO B 263 -13.59 2.15 16.54
C PRO B 263 -14.17 2.37 15.14
N GLY B 264 -15.51 2.33 15.06
CA GLY B 264 -16.20 2.57 13.81
C GLY B 264 -16.08 1.40 12.87
N GLY B 265 -15.94 0.20 13.46
CA GLY B 265 -15.78 -1.03 12.68
C GLY B 265 -16.91 -2.02 12.86
N GLY B 266 -18.03 -1.53 13.41
CA GLY B 266 -19.21 -2.36 13.59
C GLY B 266 -19.05 -3.39 14.69
N THR B 267 -20.13 -4.14 14.95
CA THR B 267 -20.17 -5.16 15.99
C THR B 267 -18.89 -5.99 16.05
N LEU B 268 -18.51 -6.54 14.89
CA LEU B 268 -17.39 -7.46 14.75
C LEU B 268 -16.07 -6.90 15.28
N LEU B 269 -15.96 -5.58 15.34
CA LEU B 269 -14.71 -4.95 15.75
C LEU B 269 -14.77 -4.24 17.12
N SER B 270 -15.23 -4.96 18.14
CA SER B 270 -15.12 -4.49 19.52
C SER B 270 -15.21 -5.67 20.47
N GLY B 271 -14.12 -5.96 21.18
CA GLY B 271 -14.05 -7.16 22.02
C GLY B 271 -14.68 -8.29 21.24
N ALA B 272 -14.16 -8.49 20.02
CA ALA B 272 -14.82 -9.26 18.99
C ALA B 272 -14.79 -10.77 19.20
N TYR B 273 -15.99 -11.37 19.22
CA TYR B 273 -17.25 -10.65 19.02
C TYR B 273 -18.37 -11.22 19.89
#